data_5YX4
#
_entry.id   5YX4
#
_cell.length_a   83.221
_cell.length_b   83.221
_cell.length_c   93.127
_cell.angle_alpha   90.00
_cell.angle_beta   90.00
_cell.angle_gamma   120.00
#
_symmetry.space_group_name_H-M   'P 32 2 1'
#
loop_
_entity.id
_entity.type
_entity.pdbx_description
1 polymer 'Chalcone-flavonone isomerase family protein'
2 non-polymer "2',4,4'-TRIHYDROXYCHALCONE"
3 water water
#
_entity_poly.entity_id   1
_entity_poly.type   'polypeptide(L)'
_entity_poly.pdbx_seq_one_letter_code
;MMAVSELEVDGVVFPSLARPPGSAHSHFLAGAGVRGMEIGGNFIKFTAIGVYLQADAAVSALAKKWAGKAADELASDAAF
FRDVVTGEFEKFTQVTMILPLTGAQYSEKVTENCVAYWKAVGAYTDAEAAAVDKFKEAFKTETFPPGASILFTHSPAGVL
TVAFSKNSSVPESGGAAIENRPLCEAVLEAIIGEHGVSPAAKLSLATRVAELLKEAASVDEPAAAEPVSVSA
;
_entity_poly.pdbx_strand_id   A
#
# COMPACT_ATOMS: atom_id res chain seq x y z
N MET A 1 7.17 -21.22 -1.93
CA MET A 1 6.94 -20.08 -0.98
C MET A 1 8.20 -19.16 -0.86
N MET A 2 8.04 -17.82 -0.85
CA MET A 2 9.23 -16.90 -0.86
C MET A 2 9.25 -15.89 0.30
N ALA A 3 10.42 -15.27 0.45
CA ALA A 3 10.69 -14.14 1.38
C ALA A 3 11.15 -12.88 0.60
N VAL A 4 10.98 -11.72 1.25
CA VAL A 4 11.52 -10.46 0.75
C VAL A 4 12.37 -9.81 1.85
N SER A 5 13.10 -8.78 1.50
CA SER A 5 13.96 -8.10 2.45
C SER A 5 13.20 -6.97 3.16
N GLU A 6 13.70 -6.62 4.32
CA GLU A 6 13.32 -5.46 5.10
C GLU A 6 13.72 -4.17 4.35
N LEU A 7 13.02 -3.06 4.53
CA LEU A 7 13.42 -1.78 3.96
C LEU A 7 13.47 -0.70 5.00
N GLU A 8 14.46 0.19 4.87
CA GLU A 8 14.60 1.31 5.79
C GLU A 8 14.43 2.55 4.93
N VAL A 9 13.56 3.44 5.36
CA VAL A 9 13.27 4.66 4.61
C VAL A 9 13.44 5.84 5.57
N ASP A 10 14.50 6.60 5.35
CA ASP A 10 14.81 7.82 6.18
C ASP A 10 14.64 7.56 7.67
N GLY A 11 15.18 6.43 8.11
CA GLY A 11 15.20 5.99 9.49
C GLY A 11 14.05 5.14 9.89
N VAL A 12 13.04 4.97 9.02
CA VAL A 12 11.88 4.19 9.41
C VAL A 12 12.16 2.79 8.87
N VAL A 13 12.06 1.78 9.72
CA VAL A 13 12.33 0.40 9.30
C VAL A 13 11.01 -0.26 9.07
N PHE A 14 10.80 -0.79 7.85
CA PHE A 14 9.58 -1.60 7.54
C PHE A 14 10.04 -3.06 7.51
N PRO A 15 9.56 -3.90 8.41
CA PRO A 15 9.89 -5.34 8.39
C PRO A 15 9.35 -6.04 7.12
N SER A 16 10.04 -7.10 6.71
CA SER A 16 9.72 -7.91 5.51
C SER A 16 8.30 -8.45 5.54
N LEU A 17 7.80 -8.69 6.74
CA LEU A 17 6.45 -9.24 6.95
C LEU A 17 5.69 -8.53 8.06
N ALA A 18 4.38 -8.56 7.95
CA ALA A 18 3.53 -8.00 8.97
C ALA A 18 2.19 -8.64 8.92
N ARG A 19 1.42 -8.43 9.95
CA ARG A 19 0.02 -8.73 9.92
C ARG A 19 -0.78 -7.42 10.05
N PRO A 20 -1.69 -7.16 9.14
CA PRO A 20 -2.40 -5.91 9.29
C PRO A 20 -3.40 -5.95 10.46
N PRO A 21 -3.75 -4.75 11.02
CA PRO A 21 -4.81 -4.64 12.01
C PRO A 21 -6.09 -5.23 11.47
N GLY A 22 -6.70 -6.07 12.30
CA GLY A 22 -8.00 -6.71 11.94
C GLY A 22 -7.96 -7.94 11.05
N SER A 23 -6.76 -8.24 10.54
CA SER A 23 -6.53 -9.37 9.69
C SER A 23 -5.61 -10.44 10.33
N ALA A 24 -5.89 -11.71 9.95
CA ALA A 24 -5.11 -12.89 10.27
C ALA A 24 -4.13 -13.25 9.18
N HIS A 25 -4.23 -12.62 8.00
CA HIS A 25 -3.36 -12.92 6.87
C HIS A 25 -1.96 -12.34 7.06
N SER A 26 -0.91 -13.14 6.84
CA SER A 26 0.42 -12.55 6.72
C SER A 26 0.56 -11.84 5.40
N HIS A 27 1.32 -10.74 5.46
CA HIS A 27 1.55 -9.88 4.30
C HIS A 27 3.05 -9.72 4.18
N PHE A 28 3.52 -9.56 2.96
CA PHE A 28 4.86 -9.20 2.72
C PHE A 28 5.06 -7.74 2.28
N LEU A 29 6.22 -7.19 2.55
CA LEU A 29 6.51 -5.82 2.16
C LEU A 29 6.75 -5.77 0.65
N ALA A 30 5.78 -5.26 -0.08
CA ALA A 30 5.89 -5.21 -1.53
C ALA A 30 6.72 -4.04 -1.98
N GLY A 31 6.64 -2.93 -1.27
CA GLY A 31 7.46 -1.76 -1.61
C GLY A 31 7.38 -0.67 -0.51
N ALA A 32 8.34 0.19 -0.47
CA ALA A 32 8.30 1.30 0.55
C ALA A 32 9.07 2.44 0.05
N GLY A 33 8.66 3.66 0.43
CA GLY A 33 9.35 4.83 -0.05
C GLY A 33 8.92 6.12 0.67
N VAL A 34 9.77 7.12 0.52
CA VAL A 34 9.50 8.45 1.11
C VAL A 34 8.34 9.12 0.42
N ARG A 35 7.57 9.90 1.18
CA ARG A 35 6.58 10.81 0.63
C ARG A 35 6.95 12.25 1.02
N GLY A 36 7.08 13.09 0.03
CA GLY A 36 7.47 14.42 0.20
C GLY A 36 6.73 15.40 -0.68
N MET A 37 7.21 16.67 -0.61
CA MET A 37 6.65 17.80 -1.42
C MET A 37 7.83 18.64 -1.80
N GLU A 38 7.81 19.19 -3.03
CA GLU A 38 8.88 20.09 -3.49
C GLU A 38 8.42 21.54 -3.11
N ILE A 39 9.25 22.28 -2.35
CA ILE A 39 8.79 23.57 -1.76
C ILE A 39 10.00 24.37 -1.81
N GLY A 40 9.97 25.44 -2.57
CA GLY A 40 11.17 25.79 -3.27
C GLY A 40 11.42 24.67 -4.33
N GLY A 41 12.70 24.45 -4.60
CA GLY A 41 13.24 23.26 -5.27
C GLY A 41 13.99 22.47 -4.19
N ASN A 42 13.38 22.40 -3.02
CA ASN A 42 13.86 21.56 -1.94
C ASN A 42 12.83 20.46 -1.88
N PHE A 43 13.31 19.26 -1.64
CA PHE A 43 12.43 18.13 -1.39
C PHE A 43 12.26 17.95 0.12
N ILE A 44 11.08 18.21 0.59
CA ILE A 44 10.80 18.16 1.97
C ILE A 44 10.08 16.81 2.26
N LYS A 45 10.71 15.97 3.09
CA LYS A 45 10.15 14.65 3.50
C LYS A 45 9.11 14.73 4.57
N PHE A 46 7.91 14.27 4.30
CA PHE A 46 6.86 14.29 5.27
C PHE A 46 6.58 12.97 5.98
N THR A 47 6.58 11.88 5.20
CA THR A 47 6.17 10.54 5.70
C THR A 47 7.02 9.46 5.02
N ALA A 48 7.11 8.30 5.66
CA ALA A 48 7.67 7.07 5.01
C ALA A 48 6.50 6.08 4.92
N ILE A 49 6.31 5.55 3.72
CA ILE A 49 5.14 4.71 3.43
C ILE A 49 5.61 3.27 3.02
N GLY A 50 5.05 2.24 3.65
CA GLY A 50 5.30 0.84 3.28
C GLY A 50 3.98 0.32 2.77
N VAL A 51 4.03 -0.39 1.67
CA VAL A 51 2.86 -1.00 1.06
C VAL A 51 3.06 -2.55 1.18
N TYR A 52 2.16 -3.17 1.90
CA TYR A 52 2.22 -4.61 2.11
C TYR A 52 1.07 -5.22 1.35
N LEU A 53 1.35 -6.41 0.83
CA LEU A 53 0.34 -7.28 0.14
C LEU A 53 0.20 -8.70 0.73
N GLN A 54 -1.01 -9.23 0.63
CA GLN A 54 -1.36 -10.54 1.11
C GLN A 54 -0.46 -11.64 0.56
N ALA A 55 0.34 -12.25 1.46
CA ALA A 55 1.40 -13.19 1.13
C ALA A 55 0.87 -14.45 0.39
N ASP A 56 -0.29 -14.92 0.83
CA ASP A 56 -1.14 -15.99 0.26
C ASP A 56 -1.55 -15.91 -1.19
N ALA A 57 -1.64 -14.67 -1.71
CA ALA A 57 -2.52 -14.39 -2.82
C ALA A 57 -2.03 -13.42 -3.88
N ALA A 58 -1.18 -12.47 -3.50
CA ALA A 58 -0.92 -11.35 -4.38
C ALA A 58 -0.09 -11.76 -5.57
N VAL A 59 0.98 -12.47 -5.33
CA VAL A 59 1.84 -12.92 -6.46
C VAL A 59 1.04 -13.72 -7.49
N SER A 60 0.29 -14.69 -7.03
CA SER A 60 -0.52 -15.48 -7.94
C SER A 60 -1.48 -14.63 -8.72
N ALA A 61 -2.11 -13.63 -8.08
CA ALA A 61 -3.08 -12.76 -8.77
C ALA A 61 -2.42 -11.85 -9.79
N LEU A 62 -1.20 -11.42 -9.53
CA LEU A 62 -0.54 -10.46 -10.38
C LEU A 62 0.22 -11.15 -11.54
N ALA A 63 0.61 -12.40 -11.39
CA ALA A 63 1.52 -13.05 -12.33
C ALA A 63 0.93 -13.16 -13.70
N LYS A 64 -0.36 -13.39 -13.74
CA LYS A 64 -1.02 -13.59 -15.00
C LYS A 64 -0.84 -12.46 -16.00
N LYS A 65 -0.91 -11.19 -15.59
CA LYS A 65 -0.71 -10.06 -16.51
C LYS A 65 0.71 -9.52 -16.41
N TRP A 66 1.41 -9.71 -15.29
CA TRP A 66 2.68 -9.00 -15.11
C TRP A 66 3.95 -9.85 -15.21
N ALA A 67 3.84 -11.17 -15.06
CA ALA A 67 5.03 -12.02 -15.27
C ALA A 67 5.63 -11.78 -16.63
N GLY A 68 6.93 -11.74 -16.68
CA GLY A 68 7.64 -11.52 -17.95
C GLY A 68 8.26 -10.13 -18.12
N LYS A 69 7.80 -9.17 -17.31
CA LYS A 69 8.11 -7.71 -17.50
C LYS A 69 9.27 -7.27 -16.63
N ALA A 70 10.15 -6.46 -17.16
CA ALA A 70 11.23 -5.92 -16.35
C ALA A 70 10.68 -4.81 -15.42
N ALA A 71 11.48 -4.44 -14.41
CA ALA A 71 11.04 -3.52 -13.37
C ALA A 71 10.68 -2.16 -13.98
N ASP A 72 11.49 -1.70 -14.87
CA ASP A 72 11.18 -0.47 -15.58
C ASP A 72 9.96 -0.50 -16.46
N GLU A 73 9.50 -1.68 -16.93
CA GLU A 73 8.17 -1.71 -17.58
C GLU A 73 7.05 -1.68 -16.58
N LEU A 74 7.16 -2.37 -15.43
CA LEU A 74 6.05 -2.25 -14.47
C LEU A 74 5.97 -0.77 -13.93
N ALA A 75 7.14 -0.16 -13.68
CA ALA A 75 7.25 1.14 -13.05
C ALA A 75 6.56 2.23 -13.86
N SER A 76 6.58 2.13 -15.17
CA SER A 76 6.00 3.12 -16.02
C SER A 76 4.61 2.72 -16.51
N ASP A 77 3.99 1.67 -15.96
CA ASP A 77 2.68 1.24 -16.44
C ASP A 77 1.55 1.45 -15.45
N ALA A 78 0.70 2.41 -15.78
CA ALA A 78 -0.39 2.75 -14.94
C ALA A 78 -1.29 1.56 -14.65
N ALA A 79 -1.41 0.58 -15.56
CA ALA A 79 -2.29 -0.55 -15.31
C ALA A 79 -1.76 -1.49 -14.23
N PHE A 80 -0.45 -1.56 -14.11
CA PHE A 80 0.16 -2.39 -13.03
C PHE A 80 -0.20 -1.85 -11.64
N PHE A 81 -0.08 -0.56 -11.44
CA PHE A 81 -0.47 0.07 -10.13
C PHE A 81 -1.95 -0.01 -9.87
N ARG A 82 -2.73 0.09 -10.93
CA ARG A 82 -4.13 -0.06 -10.80
C ARG A 82 -4.54 -1.51 -10.45
N ASP A 83 -3.86 -2.50 -11.04
CA ASP A 83 -4.06 -3.91 -10.60
C ASP A 83 -3.68 -4.18 -9.14
N VAL A 84 -2.65 -3.49 -8.64
CA VAL A 84 -2.28 -3.57 -7.19
C VAL A 84 -3.44 -3.02 -6.35
N VAL A 85 -3.92 -1.81 -6.71
CA VAL A 85 -5.01 -1.14 -5.99
C VAL A 85 -6.27 -1.96 -5.96
N THR A 86 -6.64 -2.48 -7.14
CA THR A 86 -7.94 -3.15 -7.32
C THR A 86 -7.80 -4.65 -7.22
N GLY A 87 -6.66 -5.17 -6.82
CA GLY A 87 -6.44 -6.58 -6.79
C GLY A 87 -7.34 -7.38 -5.86
N GLU A 88 -7.58 -8.64 -6.23
CA GLU A 88 -8.40 -9.55 -5.44
C GLU A 88 -7.55 -10.17 -4.35
N PHE A 89 -7.17 -9.35 -3.37
CA PHE A 89 -6.30 -9.73 -2.32
C PHE A 89 -6.23 -8.53 -1.39
N GLU A 90 -5.83 -8.81 -0.16
CA GLU A 90 -5.79 -7.75 0.85
C GLU A 90 -4.49 -6.94 0.69
N LYS A 91 -4.57 -5.63 0.95
CA LYS A 91 -3.40 -4.74 1.03
C LYS A 91 -3.37 -4.09 2.39
N PHE A 92 -2.19 -3.63 2.78
CA PHE A 92 -1.96 -2.99 4.05
C PHE A 92 -0.98 -1.87 3.79
N THR A 93 -1.38 -0.65 4.16
CA THR A 93 -0.54 0.52 4.01
C THR A 93 -0.16 1.07 5.38
N GLN A 94 1.11 1.34 5.56
CA GLN A 94 1.58 1.92 6.79
C GLN A 94 2.20 3.27 6.47
N VAL A 95 1.64 4.34 7.04
CA VAL A 95 2.17 5.69 6.84
C VAL A 95 2.80 6.17 8.15
N THR A 96 4.10 6.37 8.14
CA THR A 96 4.84 6.71 9.34
C THR A 96 5.38 8.10 9.21
N MET A 97 5.04 8.96 10.17
CA MET A 97 5.49 10.40 10.18
C MET A 97 6.95 10.67 10.29
N ILE A 98 7.48 11.48 9.40
CA ILE A 98 8.80 12.01 9.57
C ILE A 98 8.55 13.42 10.21
N LEU A 99 7.77 14.30 9.59
CA LEU A 99 7.34 15.53 10.20
C LEU A 99 6.02 15.28 10.87
N PRO A 100 5.67 16.12 11.88
CA PRO A 100 4.41 15.88 12.56
C PRO A 100 3.19 16.27 11.77
N LEU A 101 2.10 15.53 11.92
CA LEU A 101 0.87 15.94 11.33
C LEU A 101 -0.27 15.65 12.28
N THR A 102 -1.34 16.39 12.16
CA THR A 102 -2.50 16.18 12.92
C THR A 102 -3.48 15.33 12.12
N GLY A 103 -4.38 14.71 12.85
CA GLY A 103 -5.49 13.96 12.30
C GLY A 103 -6.33 14.73 11.33
N ALA A 104 -6.64 15.98 11.70
CA ALA A 104 -7.53 16.87 10.90
C ALA A 104 -6.80 17.24 9.62
N GLN A 105 -5.50 17.62 9.69
CA GLN A 105 -4.69 17.86 8.49
C GLN A 105 -4.73 16.66 7.51
N TYR A 106 -4.35 15.47 7.97
CA TYR A 106 -4.26 14.30 7.10
C TYR A 106 -5.62 14.02 6.53
N SER A 107 -6.66 13.91 7.35
CA SER A 107 -7.97 13.50 6.87
C SER A 107 -8.65 14.49 5.89
N GLU A 108 -8.46 15.78 6.18
CA GLU A 108 -8.91 16.85 5.30
C GLU A 108 -8.18 16.78 3.95
N LYS A 109 -6.88 16.61 3.97
CA LYS A 109 -6.18 16.52 2.73
C LYS A 109 -6.65 15.34 1.92
N VAL A 110 -6.74 14.17 2.50
CA VAL A 110 -7.13 13.03 1.68
C VAL A 110 -8.56 13.07 1.24
N THR A 111 -9.51 13.39 2.10
CA THR A 111 -10.91 13.33 1.71
C THR A 111 -11.24 14.46 0.70
N GLU A 112 -10.60 15.62 0.79
CA GLU A 112 -10.94 16.68 -0.14
C GLU A 112 -10.50 16.32 -1.54
N ASN A 113 -9.30 15.77 -1.64
CA ASN A 113 -8.82 15.16 -2.90
C ASN A 113 -9.70 14.05 -3.46
N CYS A 114 -10.06 13.04 -2.62
CA CYS A 114 -11.03 12.02 -3.03
C CYS A 114 -12.27 12.66 -3.60
N VAL A 115 -12.89 13.54 -2.82
CA VAL A 115 -14.18 14.14 -3.18
C VAL A 115 -14.12 14.92 -4.53
N ALA A 116 -13.12 15.76 -4.70
CA ALA A 116 -12.81 16.44 -5.96
C ALA A 116 -12.74 15.46 -7.18
N TYR A 117 -12.06 14.31 -6.99
CA TYR A 117 -11.92 13.35 -8.04
C TYR A 117 -13.25 12.69 -8.33
N TRP A 118 -13.96 12.26 -7.31
CA TRP A 118 -15.24 11.62 -7.49
C TRP A 118 -16.27 12.51 -8.19
N LYS A 119 -16.28 13.78 -7.81
CA LYS A 119 -17.13 14.74 -8.55
C LYS A 119 -16.69 14.90 -10.02
N ALA A 120 -15.41 15.04 -10.27
CA ALA A 120 -14.92 15.13 -11.64
C ALA A 120 -15.30 13.92 -12.51
N VAL A 121 -15.23 12.72 -11.94
CA VAL A 121 -15.69 11.54 -12.70
C VAL A 121 -17.19 11.24 -12.65
N GLY A 122 -17.98 12.07 -11.99
CA GLY A 122 -19.43 11.82 -11.86
C GLY A 122 -19.89 10.63 -11.04
N ALA A 123 -19.12 10.30 -10.00
CA ALA A 123 -19.37 9.10 -9.15
C ALA A 123 -19.31 9.51 -7.66
N TYR A 124 -19.99 10.58 -7.30
CA TYR A 124 -20.03 11.00 -5.91
C TYR A 124 -21.42 10.77 -5.35
N THR A 125 -21.61 9.71 -4.57
CA THR A 125 -22.92 9.27 -4.04
C THR A 125 -23.04 9.61 -2.55
N ASP A 126 -24.23 9.45 -1.97
CA ASP A 126 -24.41 9.63 -0.53
C ASP A 126 -23.53 8.62 0.20
N ALA A 127 -23.40 7.41 -0.37
CA ALA A 127 -22.51 6.43 0.20
C ALA A 127 -21.08 6.95 0.40
N GLU A 128 -20.54 7.70 -0.58
CA GLU A 128 -19.17 8.24 -0.43
C GLU A 128 -19.13 9.37 0.61
N ALA A 129 -20.14 10.24 0.65
CA ALA A 129 -20.16 11.32 1.64
C ALA A 129 -20.20 10.73 3.05
N ALA A 130 -21.00 9.70 3.23
CA ALA A 130 -21.08 9.04 4.55
C ALA A 130 -19.79 8.33 4.88
N ALA A 131 -19.12 7.72 3.90
CA ALA A 131 -17.79 7.13 4.12
C ALA A 131 -16.76 8.19 4.49
N VAL A 132 -16.81 9.34 3.84
CA VAL A 132 -15.88 10.43 4.20
C VAL A 132 -16.11 10.99 5.64
N ASP A 133 -17.37 11.06 6.08
CA ASP A 133 -17.73 11.45 7.48
C ASP A 133 -17.15 10.47 8.46
N LYS A 134 -17.37 9.20 8.17
CA LYS A 134 -16.81 8.18 9.01
C LYS A 134 -15.27 8.25 9.10
N PHE A 135 -14.60 8.51 7.97
CA PHE A 135 -13.16 8.63 7.93
C PHE A 135 -12.67 9.84 8.73
N LYS A 136 -13.29 10.98 8.47
CA LYS A 136 -13.01 12.20 9.28
C LYS A 136 -13.23 11.99 10.79
N GLU A 137 -14.35 11.37 11.14
CA GLU A 137 -14.63 10.98 12.53
C GLU A 137 -13.49 10.20 13.22
N ALA A 138 -12.99 9.15 12.56
CA ALA A 138 -11.87 8.35 13.10
C ALA A 138 -10.61 9.17 13.31
N PHE A 139 -10.35 10.15 12.49
CA PHE A 139 -9.14 10.91 12.64
C PHE A 139 -9.26 12.13 13.58
N LYS A 140 -10.46 12.64 13.91
CA LYS A 140 -10.42 13.94 14.66
C LYS A 140 -9.83 13.74 16.05
N THR A 141 -8.99 14.69 16.46
CA THR A 141 -8.23 14.58 17.74
C THR A 141 -7.19 13.46 17.83
N GLU A 142 -6.87 12.79 16.73
CA GLU A 142 -5.62 12.05 16.68
C GLU A 142 -4.64 13.09 16.30
N THR A 143 -3.41 12.87 16.74
CA THR A 143 -2.32 13.67 16.27
C THR A 143 -1.20 12.67 16.15
N PHE A 144 -0.28 12.98 15.25
CA PHE A 144 0.79 12.11 14.87
C PHE A 144 2.12 12.81 14.97
N PRO A 145 2.86 12.60 16.08
CA PRO A 145 4.26 13.07 16.18
C PRO A 145 5.22 12.24 15.35
N PRO A 146 6.47 12.64 15.25
CA PRO A 146 7.37 11.87 14.44
C PRO A 146 7.44 10.44 14.90
N GLY A 147 7.48 9.50 13.96
CA GLY A 147 7.49 8.07 14.27
C GLY A 147 6.16 7.43 14.52
N ALA A 148 5.10 8.18 14.77
CA ALA A 148 3.78 7.60 14.88
C ALA A 148 3.26 7.11 13.47
N SER A 149 2.23 6.26 13.47
CA SER A 149 1.74 5.63 12.23
C SER A 149 0.29 5.63 12.09
N ILE A 150 -0.09 5.79 10.83
CA ILE A 150 -1.39 5.51 10.41
C ILE A 150 -1.41 4.15 9.67
N LEU A 151 -2.42 3.34 9.94
CA LEU A 151 -2.51 1.96 9.46
C LEU A 151 -3.80 1.77 8.72
N PHE A 152 -3.66 1.38 7.46
CA PHE A 152 -4.84 1.05 6.62
C PHE A 152 -4.84 -0.41 6.17
N THR A 153 -5.95 -1.10 6.37
CA THR A 153 -6.11 -2.44 5.83
C THR A 153 -7.15 -2.30 4.74
N HIS A 154 -6.79 -2.75 3.56
CA HIS A 154 -7.72 -2.71 2.40
C HIS A 154 -8.18 -4.12 2.05
N SER A 155 -9.46 -4.43 2.29
CA SER A 155 -10.06 -5.74 1.97
C SER A 155 -10.44 -5.78 0.53
N PRO A 156 -10.40 -6.96 -0.11
CA PRO A 156 -10.93 -7.07 -1.49
C PRO A 156 -12.43 -6.88 -1.63
N ALA A 157 -13.19 -7.00 -0.56
CA ALA A 157 -14.63 -6.61 -0.62
C ALA A 157 -14.79 -5.08 -0.54
N GLY A 158 -13.69 -4.32 -0.29
CA GLY A 158 -13.68 -2.86 -0.25
C GLY A 158 -14.01 -2.30 1.12
N VAL A 159 -13.54 -2.97 2.18
CA VAL A 159 -13.63 -2.46 3.53
C VAL A 159 -12.27 -1.91 3.91
N LEU A 160 -12.28 -0.62 4.25
CA LEU A 160 -11.10 0.04 4.77
C LEU A 160 -11.06 0.02 6.31
N THR A 161 -10.06 -0.63 6.87
CA THR A 161 -9.84 -0.60 8.33
C THR A 161 -8.78 0.48 8.61
N VAL A 162 -9.09 1.39 9.53
CA VAL A 162 -8.16 2.39 9.95
C VAL A 162 -7.70 2.11 11.36
N ALA A 163 -6.42 2.31 11.61
CA ALA A 163 -5.90 2.15 12.95
C ALA A 163 -4.69 3.02 13.06
N PHE A 164 -4.28 3.24 14.32
CA PHE A 164 -3.16 4.16 14.67
C PHE A 164 -2.22 3.53 15.62
N SER A 165 -0.98 3.95 15.57
CA SER A 165 -0.02 3.54 16.52
C SER A 165 0.75 4.77 16.90
N LYS A 166 1.26 4.74 18.13
CA LYS A 166 2.19 5.78 18.60
C LYS A 166 3.62 5.62 18.06
N ASN A 167 3.98 4.42 17.55
CA ASN A 167 5.29 4.23 16.93
C ASN A 167 5.18 3.35 15.61
N SER A 168 6.24 2.58 15.27
CA SER A 168 6.15 1.62 14.13
C SER A 168 5.44 0.29 14.42
N SER A 169 5.14 0.02 15.68
CA SER A 169 4.31 -1.11 16.09
C SER A 169 2.99 -1.09 15.43
N VAL A 170 2.61 -2.24 14.91
CA VAL A 170 1.33 -2.44 14.27
C VAL A 170 0.41 -3.13 15.26
N PRO A 171 -0.75 -2.53 15.59
CA PRO A 171 -1.56 -3.24 16.57
C PRO A 171 -2.29 -4.46 16.00
N GLU A 172 -2.70 -5.36 16.90
CA GLU A 172 -3.46 -6.53 16.50
C GLU A 172 -4.77 -6.17 15.86
N SER A 173 -5.55 -5.31 16.54
CA SER A 173 -6.94 -5.02 16.17
C SER A 173 -7.07 -3.74 15.33
N GLY A 174 -8.16 -3.68 14.58
CA GLY A 174 -8.53 -2.49 13.82
C GLY A 174 -9.31 -1.45 14.63
N GLY A 175 -9.47 -0.29 14.02
CA GLY A 175 -10.29 0.76 14.61
C GLY A 175 -11.56 0.78 13.81
N ALA A 176 -11.77 1.88 13.10
CA ALA A 176 -12.96 2.08 12.32
C ALA A 176 -12.85 1.20 11.08
N ALA A 177 -13.98 0.72 10.60
CA ALA A 177 -14.09 -0.15 9.42
C ALA A 177 -15.11 0.53 8.56
N ILE A 178 -14.70 1.03 7.39
CA ILE A 178 -15.56 1.82 6.54
C ILE A 178 -15.82 0.95 5.32
N GLU A 179 -17.08 0.57 5.13
CA GLU A 179 -17.49 -0.29 4.04
C GLU A 179 -17.84 0.57 2.84
N ASN A 180 -16.82 1.01 2.11
CA ASN A 180 -17.01 1.81 0.89
C ASN A 180 -15.80 1.59 -0.04
N ARG A 181 -16.03 0.92 -1.17
CA ARG A 181 -14.95 0.56 -2.09
C ARG A 181 -14.17 1.79 -2.62
N PRO A 182 -14.92 2.82 -3.10
CA PRO A 182 -14.25 3.99 -3.61
C PRO A 182 -13.24 4.58 -2.63
N LEU A 183 -13.63 4.82 -1.39
CA LEU A 183 -12.67 5.37 -0.43
C LEU A 183 -11.53 4.35 -0.10
N CYS A 184 -11.86 3.06 0.02
CA CYS A 184 -10.84 2.04 0.30
C CYS A 184 -9.75 2.02 -0.79
N GLU A 185 -10.19 2.14 -2.04
CA GLU A 185 -9.24 2.16 -3.13
C GLU A 185 -8.54 3.49 -3.21
N ALA A 186 -9.30 4.56 -3.03
CA ALA A 186 -8.75 5.90 -3.20
C ALA A 186 -7.56 6.14 -2.30
N VAL A 187 -7.64 5.63 -1.09
CA VAL A 187 -6.57 5.88 -0.12
C VAL A 187 -5.23 5.33 -0.55
N LEU A 188 -5.29 4.16 -1.16
CA LEU A 188 -4.07 3.54 -1.69
C LEU A 188 -3.73 4.14 -3.04
N GLU A 189 -4.74 4.37 -3.88
CA GLU A 189 -4.43 4.97 -5.17
C GLU A 189 -3.82 6.38 -5.08
N ALA A 190 -4.19 7.11 -4.01
CA ALA A 190 -3.56 8.40 -3.68
C ALA A 190 -2.08 8.31 -3.51
N ILE A 191 -1.61 7.13 -3.09
CA ILE A 191 -0.19 6.88 -2.91
C ILE A 191 0.56 6.32 -4.14
N ILE A 192 0.00 5.32 -4.82
CA ILE A 192 0.72 4.60 -5.87
C ILE A 192 0.11 4.72 -7.26
N GLY A 193 -0.97 5.49 -7.38
CA GLY A 193 -1.72 5.59 -8.65
C GLY A 193 -1.03 6.57 -9.55
N GLU A 194 -1.68 6.89 -10.67
CA GLU A 194 -1.12 7.84 -11.69
C GLU A 194 -0.80 9.23 -11.06
N HIS A 195 -1.64 9.63 -10.13
CA HIS A 195 -1.51 10.89 -9.37
C HIS A 195 -0.83 10.61 -7.98
N GLY A 196 -0.05 9.51 -7.86
CA GLY A 196 0.39 9.01 -6.54
C GLY A 196 1.38 9.94 -5.84
N VAL A 197 1.18 10.17 -4.55
CA VAL A 197 2.13 11.11 -3.83
C VAL A 197 3.45 10.48 -3.48
N SER A 198 3.62 9.15 -3.71
CA SER A 198 4.95 8.59 -3.50
C SER A 198 5.55 7.86 -4.68
N PRO A 199 6.14 8.59 -5.64
CA PRO A 199 6.89 7.96 -6.73
C PRO A 199 7.96 6.99 -6.20
N ALA A 200 8.51 7.26 -5.01
CA ALA A 200 9.49 6.33 -4.44
C ALA A 200 8.87 4.95 -4.08
N ALA A 201 7.68 4.94 -3.46
CA ALA A 201 7.04 3.72 -3.03
C ALA A 201 6.65 2.99 -4.36
N LYS A 202 6.30 3.74 -5.39
CA LYS A 202 5.89 3.12 -6.66
C LYS A 202 7.05 2.36 -7.32
N LEU A 203 8.21 2.98 -7.42
CA LEU A 203 9.37 2.42 -8.03
C LEU A 203 9.87 1.19 -7.24
N SER A 204 9.80 1.28 -5.92
CA SER A 204 10.11 0.18 -5.07
C SER A 204 9.23 -1.06 -5.29
N LEU A 205 7.92 -0.82 -5.32
CA LEU A 205 6.89 -1.81 -5.53
C LEU A 205 7.08 -2.48 -6.88
N ALA A 206 7.30 -1.72 -7.95
CA ALA A 206 7.55 -2.24 -9.28
C ALA A 206 8.80 -3.12 -9.31
N THR A 207 9.87 -2.65 -8.71
CA THR A 207 11.08 -3.35 -8.70
C THR A 207 10.96 -4.69 -7.95
N ARG A 208 10.33 -4.69 -6.78
CA ARG A 208 10.34 -5.88 -5.97
C ARG A 208 9.35 -6.89 -6.46
N VAL A 209 8.20 -6.43 -6.97
CA VAL A 209 7.22 -7.31 -7.60
C VAL A 209 7.82 -7.99 -8.84
N ALA A 210 8.52 -7.25 -9.69
CA ALA A 210 9.18 -7.80 -10.85
C ALA A 210 10.18 -8.92 -10.46
N GLU A 211 11.00 -8.66 -9.47
CA GLU A 211 11.92 -9.65 -8.90
C GLU A 211 11.25 -10.90 -8.40
N LEU A 212 10.15 -10.73 -7.67
CA LEU A 212 9.42 -11.85 -7.09
C LEU A 212 8.88 -12.74 -8.21
N LEU A 213 8.26 -12.14 -9.19
CA LEU A 213 7.68 -12.90 -10.30
C LEU A 213 8.78 -13.67 -11.11
N LYS A 214 9.91 -13.06 -11.37
CA LYS A 214 11.03 -13.69 -12.03
C LYS A 214 11.64 -14.87 -11.24
N GLU A 215 11.89 -14.74 -9.93
CA GLU A 215 12.38 -15.86 -9.13
C GLU A 215 11.36 -16.97 -9.17
N ALA A 216 10.09 -16.62 -9.05
CA ALA A 216 9.02 -17.59 -9.07
C ALA A 216 8.97 -18.38 -10.38
N ALA A 217 9.20 -17.69 -11.49
CA ALA A 217 9.18 -18.31 -12.82
C ALA A 217 10.24 -19.35 -12.94
N SER A 218 11.41 -19.03 -12.39
CA SER A 218 12.60 -19.88 -12.46
C SER A 218 12.70 -21.04 -11.48
N VAL A 219 11.78 -21.18 -10.55
CA VAL A 219 11.84 -22.29 -9.56
C VAL A 219 11.65 -23.66 -10.21
N ASP A 220 10.49 -23.81 -10.87
CA ASP A 220 9.93 -25.09 -11.31
C ASP A 220 10.33 -25.28 -12.79
N GLU A 221 11.57 -24.87 -13.11
CA GLU A 221 12.02 -24.66 -14.49
C GLU A 221 13.10 -25.67 -14.79
N PRO A 222 12.88 -26.52 -15.82
CA PRO A 222 13.76 -27.66 -15.99
C PRO A 222 15.20 -27.24 -16.46
N ALA A 223 16.21 -27.62 -15.67
CA ALA A 223 17.65 -27.50 -16.05
C ALA A 223 18.39 -28.89 -16.04
N ALA A 224 19.21 -29.13 -17.07
CA ALA A 224 20.02 -30.36 -17.20
C ALA A 224 21.04 -30.51 -16.06
N ALA A 225 21.67 -29.42 -15.60
CA ALA A 225 22.56 -29.44 -14.45
C ALA A 225 21.90 -29.80 -13.14
N GLU A 226 20.56 -29.75 -13.08
CA GLU A 226 19.79 -30.22 -11.89
C GLU A 226 18.73 -31.22 -12.29
N PRO A 227 19.14 -32.47 -12.60
CA PRO A 227 18.18 -33.46 -13.12
C PRO A 227 17.53 -34.32 -12.01
N VAL A 228 18.01 -34.19 -10.75
CA VAL A 228 17.60 -35.14 -9.70
C VAL A 228 16.14 -34.83 -9.30
N SER A 229 15.22 -35.59 -9.90
CA SER A 229 13.79 -35.47 -9.65
C SER A 229 13.38 -36.03 -8.27
N VAL A 230 12.23 -35.52 -7.81
CA VAL A 230 11.51 -36.05 -6.62
C VAL A 230 10.15 -36.77 -7.00
N SER A 231 9.66 -36.69 -8.25
CA SER A 231 8.50 -37.49 -8.70
C SER A 231 8.91 -38.86 -9.34
N ALA A 232 7.94 -39.78 -9.45
CA ALA A 232 8.19 -41.21 -9.83
C ALA A 232 8.76 -41.42 -11.26
#